data_5FZD
#
_entry.id   5FZD
#
_cell.length_a   141.800
_cell.length_b   141.800
_cell.length_c   151.410
_cell.angle_alpha   90.00
_cell.angle_beta   90.00
_cell.angle_gamma   120.00
#
_symmetry.space_group_name_H-M   'P 65 2 2'
#
loop_
_entity.id
_entity.type
_entity.pdbx_description
1 polymer 'LYSINE-SPECIFIC DEMETHYLASE 5B'
2 non-polymer 'ZINC ION'
3 non-polymer 'MANGANESE (II) ION'
4 non-polymer '4-(2-HYDROXYETHYL)-1-PIPERAZINE ETHANESULFONIC ACID'
5 non-polymer 1,2-ETHANEDIOL
6 non-polymer '(2S)-2-HYDROXYPENTANEDIOIC ACID'
7 non-polymer 'CHLORIDE ION'
8 non-polymer 'PHOSPHATE ION'
9 water water
#
_entity_poly.entity_id   1
_entity_poly.type   'polypeptide(L)'
_entity_poly.pdbx_seq_one_letter_code
;SMFLPPPECPVFEPSWEEFADPFAFIHKIRPIAEQTGICKVRPPPDWQPPFACDVDKLHFTPRIQRLNELEAQTRVKLGG
GGARDYTLRTFGEMADAFKSDYFNMPVHMVPTELVEKEFWRLVSTIEEDVTVEYGADIASKEFGSGFPVRDGKIKLSPEE
EEYLDSGWNLNNMPVMEQSVLAHITADICGMKLPWLYVGMCFSSFCWHIEDHWSYSINYLHWGEPKTWYGVPGYAAEQLE
NVMKKLAPELFVSQPDLLHQLVTIMNPNTLMTHEVPVYRTNQCAGEFVITFPRAYHSGFNQGFNFAEAVNFCTVDWLPLG
RQCVEHYRLLHRYCVFSHDEMICKMASKADVLDVVVASTVQKDMAIMIEDEKALRETVRKLGVIDSERMDFELLPDDERQ
CVKCKTTCFMSAISCSCKPGLLVCLHHVKELCSCPPYKYKLRYRYTLDDLYPMMNALKLRAESYNEWALNVNEALEAKI
;
_entity_poly.pdbx_strand_id   A
#
# COMPACT_ATOMS: atom_id res chain seq x y z
N SER A 1 -0.92 -9.84 31.97
CA SER A 1 -2.16 -9.33 32.52
C SER A 1 -2.57 -8.07 31.76
N MET A 2 -3.82 -8.04 31.32
N MET A 2 -3.84 -7.99 31.37
CA MET A 2 -4.35 -7.00 30.44
CA MET A 2 -4.32 -6.95 30.48
C MET A 2 -3.55 -6.84 29.14
C MET A 2 -3.48 -6.92 29.20
N PHE A 3 -2.51 -6.01 29.10
CA PHE A 3 -1.71 -5.90 27.84
C PHE A 3 -0.26 -6.37 27.94
N LEU A 4 0.05 -7.38 27.13
CA LEU A 4 1.42 -7.89 27.04
C LEU A 4 1.98 -7.48 25.68
N PRO A 5 2.91 -6.51 25.68
CA PRO A 5 3.45 -6.01 24.41
C PRO A 5 4.03 -7.12 23.54
N PRO A 6 3.68 -7.12 22.24
CA PRO A 6 4.32 -8.06 21.33
C PRO A 6 5.84 -7.87 21.33
N PRO A 7 6.59 -8.89 20.93
CA PRO A 7 8.04 -8.75 20.81
C PRO A 7 8.41 -7.66 19.79
N GLU A 8 9.58 -7.08 19.98
CA GLU A 8 10.05 -6.00 19.10
C GLU A 8 10.38 -6.50 17.70
N CYS A 9 10.01 -5.71 16.68
CA CYS A 9 10.39 -6.04 15.32
C CYS A 9 11.90 -5.72 15.13
N PRO A 10 12.51 -6.19 14.02
CA PRO A 10 13.92 -5.90 13.76
C PRO A 10 14.20 -4.42 13.60
N VAL A 11 15.35 -3.96 14.11
CA VAL A 11 15.80 -2.60 13.90
C VAL A 11 17.14 -2.61 13.16
N PHE A 12 17.22 -1.85 12.09
CA PHE A 12 18.46 -1.79 11.33
C PHE A 12 19.07 -0.41 11.42
N GLU A 13 20.39 -0.40 11.52
CA GLU A 13 21.17 0.83 11.51
C GLU A 13 22.21 0.72 10.42
N PRO A 14 21.79 0.98 9.17
CA PRO A 14 22.71 0.79 8.06
C PRO A 14 23.83 1.82 8.07
N SER A 15 25.02 1.38 7.68
CA SER A 15 26.13 2.31 7.43
C SER A 15 25.78 3.20 6.27
N TRP A 16 26.54 4.28 6.09
N TRP A 16 26.53 4.29 6.10
CA TRP A 16 26.35 5.21 4.97
CA TRP A 16 26.32 5.19 4.98
C TRP A 16 26.43 4.46 3.65
C TRP A 16 26.40 4.43 3.65
N GLU A 17 27.28 3.44 3.60
CA GLU A 17 27.47 2.63 2.42
C GLU A 17 26.21 1.80 2.10
N GLU A 18 25.70 1.09 3.10
CA GLU A 18 24.46 0.33 2.96
C GLU A 18 23.29 1.26 2.65
N PHE A 19 23.27 2.40 3.35
CA PHE A 19 22.18 3.36 3.23
C PHE A 19 22.11 3.99 1.85
N ALA A 20 23.25 4.00 1.15
CA ALA A 20 23.39 4.70 -0.12
C ALA A 20 22.33 4.28 -1.13
N ASP A 21 22.01 2.98 -1.15
CA ASP A 21 21.01 2.45 -2.07
C ASP A 21 19.89 1.74 -1.31
N PRO A 22 18.74 2.43 -1.17
CA PRO A 22 17.59 1.93 -0.42
C PRO A 22 17.08 0.56 -0.92
N PHE A 23 16.99 0.38 -2.23
CA PHE A 23 16.49 -0.89 -2.78
C PHE A 23 17.48 -2.02 -2.56
N ALA A 24 18.77 -1.72 -2.64
CA ALA A 24 19.79 -2.72 -2.30
C ALA A 24 19.66 -3.11 -0.84
N PHE A 25 19.51 -2.10 0.02
CA PHE A 25 19.36 -2.34 1.45
C PHE A 25 18.10 -3.14 1.77
N ILE A 26 16.98 -2.70 1.23
CA ILE A 26 15.70 -3.37 1.45
C ILE A 26 15.78 -4.84 1.02
N HIS A 27 16.41 -5.09 -0.13
CA HIS A 27 16.63 -6.46 -0.58
C HIS A 27 17.53 -7.23 0.39
N LYS A 28 18.47 -6.53 1.01
CA LYS A 28 19.38 -7.16 1.96
C LYS A 28 18.68 -7.58 3.26
N ILE A 29 17.83 -6.71 3.81
CA ILE A 29 17.16 -7.02 5.08
C ILE A 29 15.95 -7.93 4.90
N ARG A 30 15.49 -8.08 3.67
CA ARG A 30 14.25 -8.80 3.37
C ARG A 30 14.16 -10.19 4.02
N PRO A 31 15.22 -11.02 3.95
CA PRO A 31 15.10 -12.34 4.57
C PRO A 31 14.70 -12.28 6.05
N ILE A 32 15.19 -11.27 6.76
CA ILE A 32 14.88 -11.05 8.17
C ILE A 32 13.50 -10.42 8.33
N ALA A 33 13.33 -9.29 7.65
CA ALA A 33 12.19 -8.42 7.86
C ALA A 33 10.88 -9.01 7.34
N GLU A 34 10.95 -9.90 6.37
CA GLU A 34 9.71 -10.47 5.86
C GLU A 34 9.17 -11.53 6.82
N GLN A 35 9.98 -11.95 7.77
CA GLN A 35 9.54 -12.85 8.83
C GLN A 35 8.75 -12.12 9.90
N THR A 36 8.83 -10.78 9.90
CA THR A 36 8.16 -9.98 10.93
C THR A 36 7.19 -8.99 10.35
N GLY A 37 7.23 -8.82 9.04
CA GLY A 37 6.26 -7.97 8.34
C GLY A 37 6.64 -6.51 8.33
N ILE A 38 7.03 -5.98 9.49
CA ILE A 38 7.53 -4.61 9.53
C ILE A 38 8.95 -4.60 10.10
N CYS A 39 9.69 -3.54 9.79
CA CYS A 39 10.97 -3.36 10.44
C CYS A 39 11.23 -1.87 10.55
N LYS A 40 12.20 -1.52 11.36
CA LYS A 40 12.51 -0.12 11.58
C LYS A 40 13.92 0.13 11.04
N VAL A 41 14.10 1.27 10.40
CA VAL A 41 15.40 1.63 9.86
C VAL A 41 15.81 2.97 10.42
N ARG A 42 16.95 2.99 11.13
CA ARG A 42 17.51 4.25 11.59
C ARG A 42 18.58 4.69 10.61
N PRO A 43 18.39 5.84 9.99
CA PRO A 43 19.41 6.29 9.04
C PRO A 43 20.72 6.60 9.78
N PRO A 44 21.84 6.69 9.04
CA PRO A 44 23.09 7.20 9.63
C PRO A 44 22.86 8.49 10.39
N PRO A 45 23.58 8.68 11.50
CA PRO A 45 23.39 9.81 12.43
C PRO A 45 23.30 11.16 11.75
N ASP A 46 24.08 11.35 10.69
CA ASP A 46 24.13 12.65 10.01
C ASP A 46 23.18 12.79 8.82
N TRP A 47 22.41 11.74 8.50
CA TRP A 47 21.35 11.91 7.50
C TRP A 47 20.20 12.63 8.17
N GLN A 48 20.11 13.94 7.92
CA GLN A 48 19.06 14.75 8.53
C GLN A 48 18.43 15.67 7.53
N PRO A 49 17.44 15.14 6.79
CA PRO A 49 16.72 15.99 5.83
C PRO A 49 16.09 17.14 6.57
N PRO A 50 16.32 18.37 6.09
CA PRO A 50 15.75 19.51 6.81
C PRO A 50 14.24 19.53 6.66
N PHE A 51 13.52 19.63 7.77
CA PHE A 51 12.10 19.89 7.70
C PHE A 51 11.88 21.38 7.89
N ALA A 52 11.03 21.97 7.03
CA ALA A 52 10.64 23.35 7.21
C ALA A 52 9.29 23.58 6.58
N CYS A 53 8.42 24.23 7.34
CA CYS A 53 7.10 24.62 6.86
C CYS A 53 6.52 25.63 7.82
N ASP A 54 5.59 26.44 7.30
CA ASP A 54 4.89 27.41 8.12
C ASP A 54 3.68 26.72 8.72
N VAL A 55 3.64 26.65 10.05
CA VAL A 55 2.56 25.99 10.74
C VAL A 55 1.22 26.72 10.60
N ASP A 56 1.25 27.95 10.12
CA ASP A 56 0.02 28.74 10.02
C ASP A 56 -0.60 28.67 8.64
N LYS A 57 0.22 28.34 7.65
CA LYS A 57 -0.22 28.37 6.27
C LYS A 57 -0.61 26.98 5.78
N LEU A 58 -0.25 25.97 6.56
CA LEU A 58 -0.65 24.61 6.23
C LEU A 58 -2.00 24.31 6.88
N HIS A 59 -3.03 24.16 6.04
CA HIS A 59 -4.40 23.85 6.47
CA HIS A 59 -4.34 23.79 6.58
C HIS A 59 -4.75 22.41 6.08
N PHE A 60 -5.60 21.75 6.84
CA PHE A 60 -6.13 20.46 6.45
C PHE A 60 -7.39 20.18 7.23
N THR A 61 -8.19 19.27 6.70
CA THR A 61 -9.44 18.91 7.33
C THR A 61 -9.24 17.54 7.95
N PRO A 62 -9.44 17.47 9.26
CA PRO A 62 -9.08 16.25 9.99
C PRO A 62 -10.19 15.21 9.90
N ARG A 63 -9.83 13.93 9.98
CA ARG A 63 -10.78 12.84 10.07
C ARG A 63 -11.08 12.63 11.57
N ILE A 64 -12.36 12.48 11.91
CA ILE A 64 -12.75 12.16 13.29
C ILE A 64 -12.76 10.65 13.46
N GLN A 65 -12.25 10.19 14.58
CA GLN A 65 -12.03 8.77 14.80
C GLN A 65 -12.57 8.37 16.16
N ARG A 66 -13.49 7.41 16.17
CA ARG A 66 -13.93 6.81 17.43
C ARG A 66 -13.00 5.65 17.75
N LEU A 67 -12.70 5.46 19.02
CA LEU A 67 -11.72 4.44 19.39
C LEU A 67 -12.37 3.21 20.02
N ASN A 68 -12.95 2.37 19.18
CA ASN A 68 -13.62 1.17 19.64
C ASN A 68 -13.12 -0.06 18.92
N GLU A 69 -12.51 -0.97 19.66
CA GLU A 69 -12.00 -2.20 19.10
C GLU A 69 -13.12 -2.94 18.37
N LEU A 70 -12.77 -3.54 17.23
CA LEU A 70 -13.68 -4.34 16.40
C LEU A 70 -14.76 -3.53 15.68
N GLU A 71 -14.86 -2.24 15.95
CA GLU A 71 -15.81 -1.39 15.25
C GLU A 71 -15.31 -1.07 13.84
N ALA A 72 -16.23 -1.09 12.87
CA ALA A 72 -15.86 -0.86 11.48
C ALA A 72 -15.49 0.59 11.26
N GLN A 73 -14.41 0.80 10.52
CA GLN A 73 -14.05 2.12 10.03
C GLN A 73 -13.81 1.98 8.54
N THR A 74 -14.02 3.07 7.82
CA THR A 74 -13.75 3.09 6.39
C THR A 74 -12.31 3.54 6.20
N ARG A 75 -11.62 2.94 5.24
CA ARG A 75 -10.18 3.15 5.10
C ARG A 75 -9.75 4.56 4.69
N VAL A 76 -10.46 5.18 3.74
CA VAL A 76 -10.16 6.58 3.36
C VAL A 76 -11.41 7.44 3.29
N ASP A 85 -11.80 22.42 10.10
CA ASP A 85 -10.53 22.69 9.44
C ASP A 85 -9.47 23.23 10.42
N TYR A 86 -8.26 22.67 10.36
CA TYR A 86 -7.18 23.08 11.25
C TYR A 86 -5.98 23.61 10.48
N THR A 87 -5.22 24.53 11.09
CA THR A 87 -3.84 24.71 10.64
C THR A 87 -3.01 23.71 11.42
N LEU A 88 -1.80 23.46 10.97
CA LEU A 88 -0.89 22.62 11.72
C LEU A 88 -0.73 23.11 13.16
N ARG A 89 -0.70 24.43 13.34
CA ARG A 89 -0.55 24.97 14.68
C ARG A 89 -1.77 24.72 15.55
N THR A 90 -2.95 24.99 15.01
CA THR A 90 -4.15 24.82 15.80
C THR A 90 -4.43 23.33 16.07
N PHE A 91 -4.01 22.45 15.15
CA PHE A 91 -4.11 21.02 15.40
C PHE A 91 -3.17 20.63 16.53
N GLY A 92 -1.93 21.11 16.44
CA GLY A 92 -0.94 20.87 17.46
C GLY A 92 -1.40 21.32 18.84
N GLU A 93 -2.00 22.50 18.91
CA GLU A 93 -2.51 23.01 20.18
C GLU A 93 -3.60 22.09 20.74
N MET A 94 -4.54 21.72 19.89
CA MET A 94 -5.60 20.78 20.26
C MET A 94 -4.98 19.47 20.72
N ALA A 95 -4.05 18.95 19.92
CA ALA A 95 -3.43 17.65 20.23
C ALA A 95 -2.68 17.64 21.56
N ASP A 96 -1.87 18.67 21.81
CA ASP A 96 -1.10 18.75 23.05
C ASP A 96 -2.03 18.88 24.27
N ALA A 97 -3.04 19.73 24.16
CA ALA A 97 -4.00 19.95 25.24
C ALA A 97 -4.76 18.66 25.56
N PHE A 98 -5.19 17.94 24.52
CA PHE A 98 -5.88 16.67 24.70
C PHE A 98 -5.04 15.68 25.51
N LYS A 99 -3.79 15.49 25.09
CA LYS A 99 -2.95 14.50 25.74
C LYS A 99 -2.65 14.92 27.18
N SER A 100 -2.43 16.22 27.33
CA SER A 100 -2.07 16.83 28.59
C SER A 100 -3.19 16.65 29.59
N ASP A 101 -4.41 16.94 29.15
CA ASP A 101 -5.58 16.79 30.00
C ASP A 101 -5.97 15.34 30.23
N TYR A 102 -5.73 14.49 29.24
CA TYR A 102 -6.07 13.08 29.38
C TYR A 102 -5.29 12.45 30.53
N PHE A 103 -4.02 12.80 30.65
CA PHE A 103 -3.18 12.16 31.64
C PHE A 103 -2.89 13.05 32.84
N ASN A 104 -3.39 14.28 32.79
CA ASN A 104 -3.02 15.31 33.76
C ASN A 104 -1.51 15.35 33.99
N MET A 105 -0.79 15.41 32.88
CA MET A 105 0.68 15.44 32.89
C MET A 105 1.20 16.28 31.72
N PRO A 106 2.43 16.83 31.84
CA PRO A 106 3.08 17.41 30.65
C PRO A 106 3.27 16.33 29.58
N VAL A 107 2.88 16.67 28.34
N VAL A 107 3.25 16.68 28.30
CA VAL A 107 2.59 15.69 27.28
CA VAL A 107 3.34 15.67 27.24
C VAL A 107 3.80 14.95 26.85
C VAL A 107 4.55 14.68 27.26
N HIS A 108 4.95 15.58 27.02
N HIS A 108 5.77 15.16 27.50
CA HIS A 108 6.18 14.97 26.59
CA HIS A 108 6.97 14.33 27.42
C HIS A 108 6.78 14.11 27.71
C HIS A 108 7.13 13.50 28.69
N MET A 109 6.06 13.97 28.83
N MET A 109 6.28 13.79 29.66
CA MET A 109 6.55 13.17 29.97
CA MET A 109 6.27 13.06 30.92
C MET A 109 5.91 11.77 30.07
C MET A 109 5.51 11.76 30.76
N VAL A 110 4.61 11.69 29.78
CA VAL A 110 3.85 10.43 29.62
C VAL A 110 4.62 9.30 28.94
N PRO A 111 4.91 8.23 29.69
CA PRO A 111 5.66 7.08 29.18
C PRO A 111 4.95 6.38 28.04
N THR A 112 5.72 5.92 27.05
CA THR A 112 5.13 5.29 25.87
C THR A 112 4.40 3.98 26.23
N GLU A 113 4.94 3.24 27.19
N GLU A 113 4.99 3.26 27.19
CA GLU A 113 4.30 1.98 27.59
CA GLU A 113 4.41 2.04 27.72
C GLU A 113 2.97 2.25 28.30
C GLU A 113 3.01 2.28 28.27
N LEU A 114 2.85 3.42 28.93
CA LEU A 114 1.57 3.80 29.54
C LEU A 114 0.56 4.19 28.47
N VAL A 115 0.97 4.98 27.49
CA VAL A 115 0.06 5.37 26.41
C VAL A 115 -0.45 4.15 25.66
N GLU A 116 0.44 3.19 25.42
CA GLU A 116 0.11 1.93 24.75
C GLU A 116 -0.90 1.11 25.56
N LYS A 117 -0.57 0.92 26.83
CA LYS A 117 -1.41 0.14 27.75
C LYS A 117 -2.79 0.79 27.80
N GLU A 118 -2.79 2.12 27.91
CA GLU A 118 -4.02 2.88 27.98
C GLU A 118 -4.81 2.86 26.69
N PHE A 119 -4.10 2.88 25.58
CA PHE A 119 -4.78 2.79 24.30
C PHE A 119 -5.59 1.50 24.24
N TRP A 120 -4.96 0.39 24.60
CA TRP A 120 -5.66 -0.88 24.47
C TRP A 120 -6.74 -1.04 25.54
N ARG A 121 -6.58 -0.34 26.66
CA ARG A 121 -7.65 -0.27 27.64
C ARG A 121 -8.84 0.48 27.05
N LEU A 122 -8.61 1.70 26.58
CA LEU A 122 -9.75 2.52 26.19
C LEU A 122 -10.51 1.98 24.96
N VAL A 123 -9.84 1.32 24.03
CA VAL A 123 -10.55 0.84 22.85
C VAL A 123 -11.44 -0.38 23.16
N SER A 124 -11.13 -1.07 24.26
CA SER A 124 -11.88 -2.28 24.61
C SER A 124 -12.96 -2.00 25.65
N THR A 125 -12.93 -0.81 26.23
CA THR A 125 -13.88 -0.43 27.27
C THR A 125 -15.09 0.30 26.67
N ILE A 126 -16.23 -0.37 26.71
CA ILE A 126 -17.49 0.14 26.16
C ILE A 126 -17.89 1.52 26.69
N GLU A 127 -17.74 1.71 27.99
CA GLU A 127 -18.18 2.92 28.65
C GLU A 127 -17.42 4.16 28.17
N GLU A 128 -16.12 3.99 27.92
CA GLU A 128 -15.31 5.06 27.35
C GLU A 128 -15.72 5.33 25.91
N ASP A 129 -15.94 6.59 25.58
CA ASP A 129 -16.18 6.98 24.19
C ASP A 129 -15.22 8.11 23.79
N VAL A 130 -13.94 7.81 23.83
CA VAL A 130 -12.91 8.74 23.41
C VAL A 130 -12.89 8.89 21.90
N THR A 131 -13.04 10.12 21.42
CA THR A 131 -12.85 10.41 20.00
C THR A 131 -11.62 11.30 19.77
N VAL A 132 -10.86 11.00 18.74
CA VAL A 132 -9.69 11.80 18.43
C VAL A 132 -9.79 12.21 16.97
N GLU A 133 -8.80 12.96 16.51
CA GLU A 133 -8.79 13.48 15.15
C GLU A 133 -7.42 13.30 14.53
N TYR A 134 -7.37 13.34 13.21
CA TYR A 134 -6.09 13.21 12.54
C TYR A 134 -6.13 13.68 11.10
N GLY A 135 -4.96 13.94 10.54
CA GLY A 135 -4.88 14.29 9.14
C GLY A 135 -4.26 13.17 8.32
N ALA A 136 -4.85 12.88 7.16
CA ALA A 136 -4.26 11.99 6.18
C ALA A 136 -4.60 12.45 4.76
N ASP A 137 -3.60 12.95 4.02
CA ASP A 137 -3.83 13.45 2.67
C ASP A 137 -2.59 13.30 1.79
N ILE A 138 -2.79 13.25 0.48
CA ILE A 138 -1.66 13.16 -0.44
C ILE A 138 -0.96 14.50 -0.52
N ALA A 139 0.34 14.45 -0.80
CA ALA A 139 1.09 15.65 -1.07
C ALA A 139 0.39 16.43 -2.20
N SER A 140 0.06 17.69 -1.92
CA SER A 140 -0.52 18.58 -2.91
C SER A 140 0.08 19.98 -2.75
N LYS A 141 -0.46 20.95 -3.49
CA LYS A 141 0.02 22.32 -3.39
C LYS A 141 -0.43 22.95 -2.06
N GLU A 142 -1.59 22.53 -1.56
CA GLU A 142 -2.11 23.03 -0.29
C GLU A 142 -1.37 22.40 0.89
N PHE A 143 -0.74 21.26 0.63
CA PHE A 143 0.01 20.53 1.66
C PHE A 143 1.03 19.61 1.02
N GLY A 144 2.30 20.02 1.00
CA GLY A 144 3.31 19.29 0.27
C GLY A 144 4.18 18.37 1.10
N SER A 145 5.07 17.64 0.42
CA SER A 145 6.00 16.73 1.07
C SER A 145 6.82 17.39 2.17
N GLY A 146 7.09 16.64 3.24
CA GLY A 146 7.98 17.13 4.28
C GLY A 146 9.43 17.01 3.84
N PHE A 147 9.67 16.31 2.74
CA PHE A 147 11.00 16.24 2.17
C PHE A 147 11.20 17.39 1.18
N PRO A 148 12.48 17.77 0.94
CA PRO A 148 12.77 18.77 -0.10
C PRO A 148 12.36 18.32 -1.49
N VAL A 149 11.70 19.21 -2.23
CA VAL A 149 11.44 18.99 -3.66
C VAL A 149 11.92 20.19 -4.48
N ARG A 150 12.32 19.94 -5.73
CA ARG A 150 12.71 21.03 -6.62
C ARG A 150 11.51 21.90 -6.98
N ASP A 151 11.73 23.23 -6.98
CA ASP A 151 10.77 24.24 -7.46
C ASP A 151 11.25 25.67 -7.20
N ILE A 154 11.19 26.05 -5.92
CA ILE A 154 11.52 27.39 -5.44
C ILE A 154 13.06 27.52 -5.34
N LYS A 155 13.59 28.46 -4.55
CA LYS A 155 15.05 28.47 -4.31
C LYS A 155 15.40 27.70 -3.04
N LEU A 156 16.16 26.61 -3.21
CA LEU A 156 16.50 25.71 -2.11
C LEU A 156 17.93 25.89 -1.60
N SER A 157 18.09 25.76 -0.28
CA SER A 157 19.41 25.82 0.36
C SER A 157 20.21 24.55 0.05
N PRO A 158 21.55 24.66 -0.03
CA PRO A 158 22.45 23.54 -0.33
C PRO A 158 22.19 22.26 0.50
N GLU A 159 21.72 22.42 1.74
CA GLU A 159 21.37 21.25 2.55
C GLU A 159 20.18 20.51 1.93
N GLU A 160 19.17 21.27 1.48
CA GLU A 160 17.98 20.69 0.88
C GLU A 160 18.32 19.97 -0.42
N GLU A 161 19.36 20.46 -1.12
CA GLU A 161 19.74 19.88 -2.40
C GLU A 161 20.56 18.60 -2.22
N GLU A 162 21.24 18.47 -1.10
CA GLU A 162 21.84 17.20 -0.70
C GLU A 162 20.78 16.07 -0.63
N TYR A 163 19.58 16.43 -0.21
CA TYR A 163 18.53 15.47 0.07
C TYR A 163 17.50 15.38 -1.06
N LEU A 164 17.69 16.20 -2.08
CA LEU A 164 16.73 16.25 -3.19
C LEU A 164 16.68 14.94 -3.93
N ASP A 165 17.82 14.28 -4.02
CA ASP A 165 17.96 13.15 -4.92
C ASP A 165 18.11 11.87 -4.14
N SER A 166 18.04 11.98 -2.82
CA SER A 166 18.14 10.82 -1.95
C SER A 166 17.11 9.76 -2.34
N GLY A 167 17.52 8.52 -2.37
CA GLY A 167 16.57 7.43 -2.53
C GLY A 167 15.55 7.39 -1.39
N TRP A 168 15.99 7.83 -0.20
CA TRP A 168 15.14 7.82 0.98
C TRP A 168 14.26 9.05 1.10
N ASN A 169 14.44 9.99 0.18
CA ASN A 169 13.47 11.07 0.03
C ASN A 169 12.25 10.39 -0.57
N LEU A 170 11.13 10.37 0.14
CA LEU A 170 10.03 9.50 -0.26
C LEU A 170 9.32 9.97 -1.53
N ASN A 171 9.59 11.21 -1.96
CA ASN A 171 9.13 11.62 -3.30
C ASN A 171 9.86 10.90 -4.42
N ASN A 172 11.11 10.57 -4.21
CA ASN A 172 11.92 9.89 -5.22
C ASN A 172 11.67 8.40 -5.28
N MET A 173 11.45 7.81 -4.10
CA MET A 173 11.25 6.37 -3.97
C MET A 173 10.35 5.74 -5.05
N PRO A 174 9.18 6.38 -5.37
CA PRO A 174 8.37 5.77 -6.42
C PRO A 174 9.04 5.70 -7.78
N VAL A 175 9.67 6.80 -8.20
CA VAL A 175 10.15 6.91 -9.57
C VAL A 175 11.61 6.51 -9.75
N MET A 176 12.18 5.85 -8.73
CA MET A 176 13.51 5.30 -8.90
C MET A 176 13.41 4.08 -9.83
N GLU A 177 14.54 3.53 -10.26
CA GLU A 177 14.50 2.59 -11.37
C GLU A 177 14.52 1.12 -10.91
N GLN A 178 14.97 0.87 -9.69
CA GLN A 178 14.79 -0.46 -9.11
C GLN A 178 13.31 -0.64 -8.74
N SER A 179 12.55 0.44 -8.83
CA SER A 179 11.13 0.42 -8.56
C SER A 179 10.31 0.05 -9.79
N VAL A 180 9.13 -0.49 -9.56
CA VAL A 180 8.32 -1.05 -10.64
C VAL A 180 7.11 -0.17 -10.93
N LEU A 181 6.57 0.48 -9.90
CA LEU A 181 5.41 1.36 -10.06
C LEU A 181 5.74 2.65 -10.81
N ALA A 182 7.02 2.88 -11.09
CA ALA A 182 7.46 4.10 -11.74
C ALA A 182 6.97 4.18 -13.16
N HIS A 183 7.01 3.02 -13.81
CA HIS A 183 6.77 2.93 -15.24
C HIS A 183 5.29 3.02 -15.58
N ILE A 184 4.42 2.81 -14.59
CA ILE A 184 2.98 2.89 -14.82
C ILE A 184 2.53 4.27 -15.31
N THR A 185 1.91 4.28 -16.48
CA THR A 185 1.41 5.50 -17.11
C THR A 185 -0.03 5.77 -16.71
N ALA A 186 -0.72 4.71 -16.28
CA ALA A 186 -2.05 4.85 -15.73
C ALA A 186 -2.06 5.74 -14.48
N ASP A 187 -3.19 6.38 -14.22
CA ASP A 187 -3.32 7.21 -13.04
C ASP A 187 -3.45 6.33 -11.81
N ILE A 188 -2.44 6.39 -10.93
CA ILE A 188 -2.49 5.68 -9.67
C ILE A 188 -2.00 6.61 -8.56
N CYS A 189 -2.47 7.85 -8.61
CA CYS A 189 -2.03 8.92 -7.69
C CYS A 189 -2.07 8.53 -6.22
N GLY A 190 -3.14 7.86 -5.80
CA GLY A 190 -3.27 7.41 -4.42
C GLY A 190 -2.17 6.44 -4.00
N MET A 191 -1.37 6.02 -4.97
CA MET A 191 -0.45 4.91 -4.77
C MET A 191 1.02 5.26 -5.03
N LYS A 192 1.31 6.23 -5.91
CA LYS A 192 2.71 6.58 -6.15
C LYS A 192 3.11 7.91 -5.48
N LEU A 193 2.12 8.70 -5.08
CA LEU A 193 2.37 9.96 -4.42
C LEU A 193 2.41 9.74 -2.91
N PRO A 194 3.35 10.42 -2.22
CA PRO A 194 3.40 10.30 -0.76
C PRO A 194 2.16 10.83 -0.08
N TRP A 195 1.82 10.20 1.04
CA TRP A 195 0.77 10.69 1.91
C TRP A 195 1.39 11.31 3.17
N LEU A 196 0.74 12.36 3.65
CA LEU A 196 1.14 13.03 4.86
C LEU A 196 0.16 12.70 5.99
N TYR A 197 0.69 12.31 7.14
CA TYR A 197 -0.16 12.00 8.29
C TYR A 197 0.17 12.87 9.48
N VAL A 198 -0.80 13.70 9.89
CA VAL A 198 -0.63 14.49 11.09
C VAL A 198 -1.31 13.77 12.26
N GLY A 199 -0.52 13.25 13.20
CA GLY A 199 -1.09 12.48 14.30
C GLY A 199 -1.30 13.26 15.59
N MET A 200 -2.13 12.70 16.46
CA MET A 200 -2.25 13.14 17.86
C MET A 200 -2.37 11.88 18.73
N CYS A 201 -2.28 12.04 20.05
CA CYS A 201 -2.33 10.91 20.98
C CYS A 201 -3.55 10.02 20.68
N PHE A 202 -3.30 8.72 20.50
CA PHE A 202 -4.32 7.68 20.25
C PHE A 202 -4.90 7.64 18.83
N SER A 203 -4.59 8.61 17.98
CA SER A 203 -5.10 8.54 16.60
C SER A 203 -4.46 7.32 15.98
N SER A 204 -5.25 6.53 15.26
CA SER A 204 -4.76 5.21 14.93
C SER A 204 -4.99 4.82 13.50
N PHE A 205 -4.22 3.85 13.06
CA PHE A 205 -4.48 3.30 11.75
C PHE A 205 -4.85 1.83 11.96
N CYS A 206 -5.98 1.46 11.39
CA CYS A 206 -6.52 0.11 11.53
C CYS A 206 -5.71 -0.91 10.80
N TRP A 207 -5.88 -2.18 11.17
CA TRP A 207 -5.20 -3.28 10.50
C TRP A 207 -5.49 -3.28 9.00
N HIS A 208 -4.44 -3.36 8.21
CA HIS A 208 -4.61 -3.42 6.75
C HIS A 208 -3.33 -3.88 6.11
N ILE A 209 -3.43 -4.22 4.84
CA ILE A 209 -2.26 -4.43 3.99
C ILE A 209 -2.35 -3.44 2.86
N GLU A 210 -1.26 -3.26 2.12
CA GLU A 210 -1.25 -2.24 1.07
C GLU A 210 -1.95 -2.74 -0.19
N ASP A 211 -2.46 -1.80 -0.97
CA ASP A 211 -3.02 -2.14 -2.27
C ASP A 211 -2.00 -2.89 -3.10
N HIS A 212 -2.47 -3.97 -3.73
CA HIS A 212 -1.66 -4.86 -4.56
C HIS A 212 -0.52 -5.51 -3.80
N TRP A 213 -0.68 -5.58 -2.48
CA TRP A 213 0.31 -6.16 -1.60
C TRP A 213 1.67 -5.49 -1.81
N SER A 214 1.64 -4.19 -2.03
CA SER A 214 2.91 -3.47 -2.22
C SER A 214 3.65 -3.28 -0.90
N TYR A 215 4.91 -2.90 -0.99
CA TYR A 215 5.63 -2.42 0.17
C TYR A 215 5.06 -1.08 0.57
N SER A 216 5.29 -0.68 1.81
N SER A 216 5.32 -0.68 1.80
CA SER A 216 5.14 0.73 2.14
CA SER A 216 5.16 0.70 2.18
C SER A 216 6.37 1.14 2.96
C SER A 216 6.37 1.13 2.98
N ILE A 217 6.64 2.44 2.98
CA ILE A 217 7.73 2.99 3.76
C ILE A 217 7.22 4.29 4.32
N ASN A 218 7.48 4.48 5.60
CA ASN A 218 6.92 5.56 6.38
C ASN A 218 8.06 6.26 7.11
N TYR A 219 8.11 7.58 6.99
CA TYR A 219 9.12 8.35 7.69
C TYR A 219 8.41 9.26 8.65
N LEU A 220 8.83 9.20 9.92
CA LEU A 220 8.33 10.16 10.88
C LEU A 220 9.25 11.37 10.89
N HIS A 221 8.76 12.49 10.36
CA HIS A 221 9.56 13.71 10.25
C HIS A 221 9.86 14.29 11.62
N TRP A 222 8.85 14.36 12.47
CA TRP A 222 9.01 14.90 13.81
C TRP A 222 7.78 14.67 14.69
N GLY A 223 7.98 14.86 15.99
CA GLY A 223 6.93 14.80 16.98
C GLY A 223 7.09 13.52 17.79
N GLU A 224 6.04 13.16 18.51
CA GLU A 224 6.14 12.01 19.41
C GLU A 224 6.01 10.68 18.62
N PRO A 225 6.41 9.56 19.25
CA PRO A 225 6.51 8.34 18.44
C PRO A 225 5.18 7.84 17.85
N LYS A 226 5.33 6.95 16.88
CA LYS A 226 4.22 6.21 16.27
C LYS A 226 4.44 4.76 16.66
N THR A 227 3.47 4.17 17.32
CA THR A 227 3.57 2.78 17.73
C THR A 227 2.98 1.88 16.65
N TRP A 228 3.71 0.84 16.27
CA TRP A 228 3.32 -0.04 15.17
C TRP A 228 3.13 -1.45 15.65
N TYR A 229 2.17 -2.15 15.05
CA TYR A 229 2.08 -3.59 15.15
C TYR A 229 2.10 -4.16 13.74
N GLY A 230 2.88 -5.23 13.53
CA GLY A 230 3.01 -5.79 12.22
C GLY A 230 2.93 -7.30 12.26
N VAL A 231 2.43 -7.87 11.17
CA VAL A 231 2.30 -9.31 11.01
C VAL A 231 3.00 -9.72 9.72
N PRO A 232 3.80 -10.80 9.75
CA PRO A 232 4.48 -11.16 8.50
C PRO A 232 3.49 -11.61 7.42
N GLY A 233 3.87 -11.38 6.17
CA GLY A 233 3.03 -11.73 5.04
C GLY A 233 2.57 -13.18 5.03
N TYR A 234 3.42 -14.09 5.48
CA TYR A 234 3.03 -15.49 5.45
C TYR A 234 1.83 -15.76 6.36
N ALA A 235 1.55 -14.87 7.29
CA ALA A 235 0.48 -15.12 8.25
C ALA A 235 -0.75 -14.29 7.94
N ALA A 236 -0.79 -13.67 6.77
CA ALA A 236 -1.94 -12.83 6.42
C ALA A 236 -3.30 -13.53 6.52
N GLU A 237 -3.41 -14.73 5.95
CA GLU A 237 -4.71 -15.40 5.93
C GLU A 237 -5.09 -15.83 7.34
N GLN A 238 -4.08 -16.23 8.09
CA GLN A 238 -4.24 -16.59 9.49
C GLN A 238 -4.88 -15.44 10.26
N LEU A 239 -4.38 -14.23 10.02
CA LEU A 239 -4.94 -13.05 10.66
C LEU A 239 -6.36 -12.79 10.17
N GLU A 240 -6.57 -12.98 8.88
CA GLU A 240 -7.87 -12.67 8.32
C GLU A 240 -8.93 -13.62 8.86
N ASN A 241 -8.54 -14.86 9.07
CA ASN A 241 -9.44 -15.84 9.67
C ASN A 241 -9.81 -15.45 11.09
N VAL A 242 -8.82 -15.07 11.90
CA VAL A 242 -9.10 -14.61 13.25
C VAL A 242 -10.07 -13.43 13.20
N MET A 243 -9.79 -12.48 12.32
CA MET A 243 -10.61 -11.28 12.27
C MET A 243 -12.02 -11.56 11.77
N LYS A 244 -12.14 -12.45 10.79
CA LYS A 244 -13.44 -12.82 10.22
C LYS A 244 -14.34 -13.42 11.30
N LYS A 245 -13.74 -14.17 12.22
CA LYS A 245 -14.49 -14.79 13.30
C LYS A 245 -15.02 -13.72 14.27
N LEU A 246 -14.18 -12.75 14.62
CA LEU A 246 -14.56 -11.75 15.61
C LEU A 246 -15.36 -10.58 15.05
N ALA A 247 -15.24 -10.33 13.75
CA ALA A 247 -15.91 -9.19 13.15
C ALA A 247 -16.25 -9.45 11.67
N PRO A 248 -17.20 -10.38 11.42
CA PRO A 248 -17.56 -10.77 10.06
C PRO A 248 -18.13 -9.61 9.23
N GLU A 249 -18.68 -8.59 9.89
CA GLU A 249 -19.16 -7.38 9.22
C GLU A 249 -18.12 -6.79 8.26
N LEU A 250 -16.85 -6.86 8.64
CA LEU A 250 -15.77 -6.27 7.84
C LEU A 250 -15.53 -7.03 6.56
N PHE A 251 -16.08 -8.23 6.48
CA PHE A 251 -15.72 -9.13 5.39
C PHE A 251 -16.83 -9.30 4.35
N VAL A 252 -17.86 -8.48 4.43
CA VAL A 252 -18.89 -8.47 3.41
C VAL A 252 -18.37 -7.79 2.14
N SER A 253 -18.99 -8.09 0.99
CA SER A 253 -18.55 -7.55 -0.29
C SER A 253 -18.62 -6.03 -0.29
N GLN A 254 -17.59 -5.38 -0.85
CA GLN A 254 -17.58 -3.92 -0.91
C GLN A 254 -17.82 -3.40 -2.31
N PRO A 255 -18.74 -2.42 -2.43
CA PRO A 255 -19.18 -1.83 -3.70
C PRO A 255 -18.04 -1.17 -4.47
N ASP A 256 -16.99 -0.72 -3.78
CA ASP A 256 -15.81 -0.17 -4.43
C ASP A 256 -14.61 -0.05 -3.49
N LEU A 257 -13.55 0.58 -3.98
CA LEU A 257 -12.33 0.76 -3.22
C LEU A 257 -12.47 1.83 -2.15
N LEU A 258 -13.50 2.66 -2.28
CA LEU A 258 -13.73 3.75 -1.34
C LEU A 258 -14.58 3.28 -0.16
N HIS A 259 -14.79 1.98 -0.06
CA HIS A 259 -15.63 1.45 0.99
C HIS A 259 -15.02 0.24 1.70
N GLN A 260 -13.71 0.10 1.60
CA GLN A 260 -13.01 -0.95 2.34
C GLN A 260 -13.20 -0.75 3.83
N LEU A 261 -13.59 -1.81 4.54
CA LEU A 261 -13.83 -1.72 5.96
C LEU A 261 -12.63 -2.24 6.73
N VAL A 262 -12.24 -1.53 7.77
CA VAL A 262 -11.08 -1.92 8.55
C VAL A 262 -11.38 -1.69 10.01
N THR A 263 -10.56 -2.26 10.89
CA THR A 263 -10.83 -2.11 12.31
C THR A 263 -9.58 -2.13 13.21
N ILE A 264 -9.77 -1.60 14.42
CA ILE A 264 -8.79 -1.71 15.49
C ILE A 264 -8.93 -3.08 16.12
N MET A 265 -7.82 -3.77 16.34
CA MET A 265 -7.91 -5.04 17.06
C MET A 265 -6.64 -5.33 17.87
N ASN A 266 -6.83 -5.67 19.13
CA ASN A 266 -5.72 -5.96 20.05
C ASN A 266 -4.78 -7.03 19.53
N PRO A 267 -3.49 -6.71 19.43
CA PRO A 267 -2.52 -7.74 19.01
C PRO A 267 -2.49 -8.94 19.95
N ASN A 268 -2.86 -8.77 21.22
CA ASN A 268 -2.88 -9.92 22.15
C ASN A 268 -3.93 -10.93 21.70
N THR A 269 -5.01 -10.44 21.10
CA THR A 269 -6.02 -11.32 20.50
C THR A 269 -5.39 -12.16 19.40
N LEU A 270 -4.66 -11.51 18.51
CA LEU A 270 -3.96 -12.23 17.46
C LEU A 270 -2.98 -13.23 18.05
N MET A 271 -2.18 -12.77 19.02
CA MET A 271 -1.20 -13.63 19.65
C MET A 271 -1.82 -14.85 20.35
N THR A 272 -2.98 -14.65 20.96
CA THR A 272 -3.74 -15.76 21.56
C THR A 272 -4.09 -16.80 20.50
N HIS A 273 -4.32 -16.34 19.27
CA HIS A 273 -4.69 -17.26 18.20
C HIS A 273 -3.48 -17.66 17.37
N GLU A 274 -2.30 -17.54 17.97
CA GLU A 274 -1.05 -17.99 17.36
C GLU A 274 -0.68 -17.26 16.06
N VAL A 275 -1.23 -16.07 15.86
CA VAL A 275 -0.71 -15.20 14.78
C VAL A 275 0.50 -14.41 15.27
N PRO A 276 1.66 -14.59 14.64
CA PRO A 276 2.84 -13.82 15.05
C PRO A 276 2.66 -12.31 14.83
N VAL A 277 2.88 -11.53 15.88
CA VAL A 277 2.76 -10.07 15.84
C VAL A 277 4.03 -9.44 16.39
N TYR A 278 4.49 -8.34 15.79
CA TYR A 278 5.67 -7.63 16.28
C TYR A 278 5.32 -6.18 16.51
N ARG A 279 6.11 -5.48 17.33
CA ARG A 279 5.82 -4.08 17.59
C ARG A 279 7.07 -3.22 17.42
N THR A 280 6.87 -1.91 17.36
CA THR A 280 7.97 -0.99 17.48
C THR A 280 7.42 0.39 17.77
N ASN A 281 8.24 1.22 18.42
CA ASN A 281 7.96 2.63 18.51
C ASN A 281 8.83 3.32 17.48
N GLN A 282 8.21 3.90 16.48
CA GLN A 282 8.94 4.65 15.48
C GLN A 282 9.10 6.06 16.01
N CYS A 283 10.35 6.49 16.19
CA CYS A 283 10.60 7.85 16.63
C CYS A 283 11.00 8.75 15.48
N ALA A 284 10.96 10.05 15.74
CA ALA A 284 11.30 11.07 14.73
C ALA A 284 12.64 10.75 14.08
N GLY A 285 12.71 10.90 12.75
CA GLY A 285 13.92 10.58 12.01
C GLY A 285 14.05 9.11 11.71
N GLU A 286 13.04 8.30 12.05
CA GLU A 286 13.18 6.88 11.76
C GLU A 286 12.16 6.41 10.70
N PHE A 287 12.58 5.41 9.94
CA PHE A 287 11.73 4.78 8.94
C PHE A 287 11.13 3.50 9.47
N VAL A 288 9.89 3.25 9.07
CA VAL A 288 9.32 1.92 9.15
C VAL A 288 9.01 1.44 7.72
N ILE A 289 9.36 0.19 7.44
CA ILE A 289 9.06 -0.40 6.16
C ILE A 289 8.10 -1.56 6.37
N THR A 290 7.02 -1.62 5.61
CA THR A 290 6.14 -2.80 5.63
C THR A 290 6.33 -3.60 4.34
N PHE A 291 6.37 -4.92 4.49
CA PHE A 291 6.65 -5.82 3.38
C PHE A 291 5.35 -6.33 2.75
N PRO A 292 5.41 -6.95 1.55
CA PRO A 292 4.17 -7.32 0.85
C PRO A 292 3.25 -8.20 1.68
N ARG A 293 1.97 -7.82 1.76
N ARG A 293 1.98 -7.78 1.75
CA ARG A 293 0.96 -8.65 2.41
CA ARG A 293 0.90 -8.51 2.40
C ARG A 293 1.27 -8.76 3.91
C ARG A 293 1.05 -8.54 3.93
N ALA A 294 2.02 -7.79 4.44
CA ALA A 294 2.24 -7.69 5.89
C ALA A 294 1.19 -6.79 6.53
N TYR A 295 0.30 -7.41 7.32
CA TYR A 295 -0.70 -6.63 8.04
C TYR A 295 -0.06 -5.70 9.07
N HIS A 296 -0.56 -4.48 9.20
CA HIS A 296 -0.02 -3.60 10.20
C HIS A 296 -1.09 -2.64 10.67
N SER A 297 -0.91 -2.16 11.89
CA SER A 297 -1.78 -1.17 12.51
C SER A 297 -0.95 -0.43 13.53
N GLY A 298 -1.52 0.60 14.13
CA GLY A 298 -0.87 1.23 15.25
C GLY A 298 -1.58 2.50 15.63
N PHE A 299 -0.88 3.35 16.37
CA PHE A 299 -1.48 4.56 16.89
C PHE A 299 -0.34 5.54 17.20
N ASN A 300 -0.65 6.83 17.20
CA ASN A 300 0.34 7.82 17.58
C ASN A 300 0.35 8.09 19.08
N GLN A 301 1.54 8.27 19.61
CA GLN A 301 1.77 8.63 21.00
C GLN A 301 1.41 10.07 21.31
N GLY A 302 1.44 10.91 20.28
CA GLY A 302 1.17 12.32 20.48
C GLY A 302 1.24 13.05 19.15
N PHE A 303 1.28 14.37 19.22
CA PHE A 303 1.34 15.23 18.05
C PHE A 303 2.57 14.85 17.22
N ASN A 304 2.35 14.52 15.96
CA ASN A 304 3.48 14.17 15.11
C ASN A 304 3.15 14.30 13.63
N PHE A 305 4.14 14.03 12.79
CA PHE A 305 4.03 14.32 11.36
C PHE A 305 4.83 13.29 10.61
N ALA A 306 4.12 12.51 9.80
CA ALA A 306 4.72 11.39 9.11
C ALA A 306 4.42 11.48 7.63
N GLU A 307 5.16 10.71 6.87
CA GLU A 307 5.03 10.72 5.44
C GLU A 307 5.33 9.33 4.99
N ALA A 308 4.50 8.85 4.06
CA ALA A 308 4.58 7.46 3.66
C ALA A 308 4.22 7.30 2.18
N VAL A 309 4.76 6.25 1.57
CA VAL A 309 4.48 6.01 0.18
C VAL A 309 4.57 4.53 -0.06
N ASN A 310 3.83 4.06 -1.06
CA ASN A 310 3.93 2.67 -1.51
C ASN A 310 5.02 2.53 -2.55
N PHE A 311 5.59 1.33 -2.66
CA PHE A 311 6.51 1.07 -3.74
C PHE A 311 6.56 -0.43 -4.00
N CYS A 312 7.09 -0.78 -5.16
CA CYS A 312 7.15 -2.16 -5.59
C CYS A 312 8.51 -2.47 -6.19
N THR A 313 9.18 -3.46 -5.62
CA THR A 313 10.46 -3.92 -6.11
C THR A 313 10.25 -5.08 -7.09
N VAL A 314 11.32 -5.54 -7.73
CA VAL A 314 11.24 -6.72 -8.60
C VAL A 314 10.91 -7.97 -7.79
N ASP A 315 11.33 -7.99 -6.53
CA ASP A 315 10.96 -9.05 -5.60
C ASP A 315 9.45 -9.24 -5.56
N TRP A 316 8.73 -8.13 -5.73
CA TRP A 316 7.29 -8.09 -5.50
C TRP A 316 6.49 -8.59 -6.70
N LEU A 317 7.06 -8.54 -7.91
CA LEU A 317 6.28 -8.80 -9.14
C LEU A 317 5.42 -10.09 -9.08
N PRO A 318 6.00 -11.23 -8.70
CA PRO A 318 5.13 -12.43 -8.62
C PRO A 318 4.01 -12.29 -7.60
N LEU A 319 4.27 -11.57 -6.50
CA LEU A 319 3.24 -11.38 -5.49
C LEU A 319 2.17 -10.46 -6.01
N GLY A 320 2.58 -9.46 -6.80
CA GLY A 320 1.62 -8.57 -7.44
C GLY A 320 0.65 -9.36 -8.31
N ARG A 321 1.16 -10.34 -9.03
CA ARG A 321 0.31 -11.20 -9.87
C ARG A 321 -0.60 -12.06 -8.99
N GLN A 322 -0.04 -12.60 -7.91
N GLN A 322 -0.05 -12.63 -7.92
CA GLN A 322 -0.83 -13.43 -7.01
CA GLN A 322 -0.84 -13.43 -6.99
C GLN A 322 -1.90 -12.59 -6.31
C GLN A 322 -1.95 -12.56 -6.39
N CYS A 323 -1.60 -11.33 -6.05
CA CYS A 323 -2.57 -10.43 -5.43
C CYS A 323 -3.78 -10.17 -6.34
N VAL A 324 -3.52 -9.95 -7.63
CA VAL A 324 -4.61 -9.67 -8.55
C VAL A 324 -5.53 -10.90 -8.74
N GLU A 325 -4.92 -12.07 -8.72
CA GLU A 325 -5.65 -13.32 -8.68
C GLU A 325 -6.52 -13.40 -7.43
N HIS A 326 -5.90 -13.11 -6.28
CA HIS A 326 -6.62 -13.08 -5.02
C HIS A 326 -7.76 -12.07 -5.05
N TYR A 327 -7.53 -10.90 -5.67
CA TYR A 327 -8.60 -9.91 -5.81
C TYR A 327 -9.75 -10.46 -6.64
N ARG A 328 -9.43 -11.22 -7.69
N ARG A 328 -9.40 -11.24 -7.66
CA ARG A 328 -10.47 -11.74 -8.56
CA ARG A 328 -10.34 -11.81 -8.61
C ARG A 328 -11.37 -12.66 -7.76
C ARG A 328 -11.30 -12.78 -7.91
N LEU A 329 -10.75 -13.59 -7.02
CA LEU A 329 -11.51 -14.53 -6.21
C LEU A 329 -12.43 -13.82 -5.20
N LEU A 330 -12.01 -12.65 -4.74
CA LEU A 330 -12.78 -11.86 -3.77
C LEU A 330 -13.69 -10.85 -4.40
N HIS A 331 -13.62 -10.72 -5.73
CA HIS A 331 -14.35 -9.67 -6.44
C HIS A 331 -13.97 -8.26 -5.98
N ARG A 332 -12.70 -8.06 -5.64
CA ARG A 332 -12.23 -6.73 -5.22
C ARG A 332 -11.69 -5.93 -6.42
N TYR A 333 -11.95 -4.63 -6.43
CA TYR A 333 -11.47 -3.77 -7.49
C TYR A 333 -9.95 -3.67 -7.43
N CYS A 334 -9.33 -3.54 -8.60
CA CYS A 334 -7.88 -3.34 -8.72
C CYS A 334 -7.61 -1.85 -8.74
N VAL A 335 -6.42 -1.45 -8.30
CA VAL A 335 -6.02 -0.05 -8.45
C VAL A 335 -5.50 0.16 -9.89
N PHE A 336 -4.79 -0.83 -10.40
CA PHE A 336 -4.31 -0.79 -11.78
C PHE A 336 -4.29 -2.20 -12.33
N SER A 337 -4.14 -2.32 -13.65
CA SER A 337 -3.92 -3.62 -14.27
C SER A 337 -2.46 -4.01 -14.16
N HIS A 338 -2.20 -5.13 -13.51
CA HIS A 338 -0.86 -5.66 -13.40
C HIS A 338 -0.29 -6.07 -14.78
N ASP A 339 -1.11 -6.71 -15.59
CA ASP A 339 -0.67 -7.12 -16.93
C ASP A 339 -0.33 -5.91 -17.81
N GLU A 340 -1.13 -4.85 -17.69
CA GLU A 340 -0.86 -3.62 -18.44
C GLU A 340 0.51 -3.07 -18.01
N MET A 341 0.82 -3.16 -16.73
CA MET A 341 2.09 -2.64 -16.26
C MET A 341 3.25 -3.46 -16.83
N ILE A 342 3.10 -4.78 -16.79
CA ILE A 342 4.07 -5.71 -17.37
C ILE A 342 4.32 -5.40 -18.87
N CYS A 343 3.25 -5.24 -19.63
CA CYS A 343 3.37 -4.98 -21.05
C CYS A 343 3.98 -3.61 -21.33
N LYS A 344 3.65 -2.63 -20.49
CA LYS A 344 4.22 -1.30 -20.65
C LYS A 344 5.74 -1.40 -20.49
N MET A 345 6.17 -2.13 -19.47
CA MET A 345 7.59 -2.31 -19.25
C MET A 345 8.28 -3.08 -20.38
N ALA A 346 7.65 -4.17 -20.82
CA ALA A 346 8.11 -4.90 -22.00
C ALA A 346 8.33 -3.95 -23.16
N SER A 347 7.35 -3.07 -23.39
CA SER A 347 7.42 -2.14 -24.50
C SER A 347 8.56 -1.12 -24.31
N LYS A 348 9.17 -1.09 -23.14
CA LYS A 348 10.29 -0.19 -22.86
C LYS A 348 11.54 -0.99 -22.51
N ALA A 349 11.61 -2.23 -22.99
CA ALA A 349 12.68 -3.14 -22.61
C ALA A 349 14.08 -2.54 -22.76
N ASP A 350 14.29 -1.74 -23.79
CA ASP A 350 15.64 -1.22 -24.07
C ASP A 350 16.18 -0.26 -23.02
N VAL A 351 15.29 0.47 -22.33
CA VAL A 351 15.74 1.42 -21.32
C VAL A 351 15.59 0.88 -19.91
N LEU A 352 15.10 -0.35 -19.79
CA LEU A 352 14.91 -0.93 -18.47
C LEU A 352 16.24 -1.32 -17.84
N ASP A 353 16.27 -1.25 -16.52
CA ASP A 353 17.36 -1.84 -15.77
C ASP A 353 17.42 -3.32 -16.11
N VAL A 354 18.60 -3.91 -16.05
CA VAL A 354 18.76 -5.27 -16.57
C VAL A 354 18.22 -6.34 -15.62
N VAL A 355 18.26 -6.09 -14.32
CA VAL A 355 17.70 -7.05 -13.37
C VAL A 355 16.18 -6.94 -13.43
N VAL A 356 15.71 -5.73 -13.61
CA VAL A 356 14.29 -5.49 -13.80
C VAL A 356 13.80 -6.23 -15.06
N ALA A 357 14.48 -6.03 -16.18
CA ALA A 357 14.11 -6.66 -17.45
C ALA A 357 14.02 -8.18 -17.30
N SER A 358 15.01 -8.74 -16.61
CA SER A 358 15.04 -10.18 -16.37
C SER A 358 13.85 -10.68 -15.55
N THR A 359 13.45 -9.89 -14.55
CA THR A 359 12.37 -10.29 -13.66
C THR A 359 11.02 -10.10 -14.34
N VAL A 360 10.86 -8.99 -15.06
CA VAL A 360 9.66 -8.76 -15.86
C VAL A 360 9.46 -9.90 -16.86
N GLN A 361 10.57 -10.34 -17.46
CA GLN A 361 10.49 -11.40 -18.46
C GLN A 361 9.88 -12.65 -17.86
N LYS A 362 10.29 -13.01 -16.65
CA LYS A 362 9.76 -14.21 -16.00
C LYS A 362 8.26 -14.08 -15.71
N ASP A 363 7.81 -12.92 -15.25
CA ASP A 363 6.38 -12.72 -14.99
C ASP A 363 5.60 -12.74 -16.29
N MET A 364 6.16 -12.09 -17.32
CA MET A 364 5.51 -12.05 -18.62
C MET A 364 5.32 -13.45 -19.20
N ALA A 365 6.30 -14.31 -18.99
CA ALA A 365 6.22 -15.68 -19.49
C ALA A 365 5.04 -16.41 -18.85
N ILE A 366 4.81 -16.17 -17.57
CA ILE A 366 3.66 -16.78 -16.90
C ILE A 366 2.37 -16.20 -17.44
N MET A 367 2.34 -14.88 -17.56
CA MET A 367 1.20 -14.16 -18.12
C MET A 367 0.81 -14.73 -19.49
N ILE A 368 1.81 -14.93 -20.34
CA ILE A 368 1.53 -15.40 -21.68
C ILE A 368 0.99 -16.82 -21.66
N GLU A 369 1.63 -17.68 -20.89
CA GLU A 369 1.17 -19.05 -20.75
C GLU A 369 -0.24 -19.15 -20.16
N ASP A 370 -0.53 -18.33 -19.16
CA ASP A 370 -1.89 -18.31 -18.61
C ASP A 370 -2.88 -17.81 -19.65
N GLU A 371 -2.47 -16.79 -20.40
CA GLU A 371 -3.35 -16.18 -21.38
C GLU A 371 -3.64 -17.17 -22.50
N LYS A 372 -2.61 -17.91 -22.90
CA LYS A 372 -2.75 -18.92 -23.93
C LYS A 372 -3.81 -19.97 -23.53
N ALA A 373 -3.75 -20.42 -22.29
CA ALA A 373 -4.67 -21.43 -21.80
C ALA A 373 -6.09 -20.88 -21.71
N LEU A 374 -6.23 -19.63 -21.29
CA LEU A 374 -7.55 -19.02 -21.16
C LEU A 374 -8.22 -18.85 -22.51
N ARG A 375 -7.43 -18.48 -23.52
CA ARG A 375 -7.99 -18.26 -24.85
C ARG A 375 -8.41 -19.59 -25.49
N GLU A 376 -7.61 -20.63 -25.31
CA GLU A 376 -7.99 -21.98 -25.75
C GLU A 376 -9.31 -22.40 -25.13
N THR A 377 -9.46 -22.16 -23.84
CA THR A 377 -10.68 -22.50 -23.13
C THR A 377 -11.89 -21.75 -23.68
N VAL A 378 -11.77 -20.46 -23.95
CA VAL A 378 -12.97 -19.74 -24.37
C VAL A 378 -13.29 -20.08 -25.83
N ARG A 379 -12.29 -20.41 -26.64
CA ARG A 379 -12.54 -20.90 -27.99
C ARG A 379 -13.36 -22.21 -27.95
N LYS A 380 -13.00 -23.09 -27.03
CA LYS A 380 -13.70 -24.35 -26.89
C LYS A 380 -15.12 -24.16 -26.41
N LEU A 381 -15.40 -23.00 -25.80
CA LEU A 381 -16.75 -22.68 -25.37
C LEU A 381 -17.58 -22.13 -26.53
N GLY A 382 -16.93 -21.91 -27.66
CA GLY A 382 -17.66 -21.50 -28.84
C GLY A 382 -17.57 -20.02 -29.14
N VAL A 383 -16.66 -19.33 -28.47
CA VAL A 383 -16.38 -17.95 -28.85
C VAL A 383 -15.43 -17.98 -30.02
N ILE A 384 -15.87 -17.45 -31.15
CA ILE A 384 -15.08 -17.56 -32.37
C ILE A 384 -14.63 -16.21 -32.88
N ASP A 385 -15.56 -15.28 -32.90
CA ASP A 385 -15.26 -13.95 -33.39
C ASP A 385 -14.26 -13.27 -32.44
N SER A 386 -13.41 -12.41 -33.00
CA SER A 386 -12.49 -11.69 -32.14
C SER A 386 -12.07 -10.37 -32.79
N GLU A 387 -11.69 -9.39 -31.97
CA GLU A 387 -11.22 -8.12 -32.47
C GLU A 387 -10.21 -7.52 -31.49
N ARG A 388 -9.13 -6.96 -32.01
N ARG A 388 -9.13 -6.96 -32.01
CA ARG A 388 -8.13 -6.32 -31.17
CA ARG A 388 -8.13 -6.33 -31.18
C ARG A 388 -8.76 -5.14 -30.46
C ARG A 388 -8.74 -5.12 -30.47
N MET A 389 -8.31 -4.87 -29.24
CA MET A 389 -8.84 -3.76 -28.49
C MET A 389 -7.79 -3.15 -27.59
N ASP A 390 -7.65 -1.82 -27.66
CA ASP A 390 -6.68 -1.11 -26.83
C ASP A 390 -7.24 -0.82 -25.45
N PHE A 391 -7.26 -1.84 -24.60
CA PHE A 391 -7.88 -1.73 -23.29
C PHE A 391 -7.35 -0.54 -22.51
N GLU A 392 -6.08 -0.18 -22.72
CA GLU A 392 -5.47 0.82 -21.83
C GLU A 392 -6.09 2.21 -22.06
N LEU A 393 -6.83 2.35 -23.16
CA LEU A 393 -7.52 3.60 -23.47
C LEU A 393 -8.85 3.75 -22.75
N LEU A 394 -9.45 2.64 -22.35
CA LEU A 394 -10.71 2.69 -21.58
C LEU A 394 -10.44 3.13 -20.15
N PRO A 395 -11.28 4.04 -19.64
CA PRO A 395 -11.31 4.29 -18.20
C PRO A 395 -11.51 2.98 -17.46
N ASP A 396 -10.96 2.87 -16.26
CA ASP A 396 -11.06 1.65 -15.48
C ASP A 396 -12.50 1.16 -15.34
N ASP A 397 -13.43 2.08 -15.11
CA ASP A 397 -14.80 1.69 -14.84
C ASP A 397 -15.45 1.16 -16.10
N GLU A 398 -14.81 1.32 -17.26
CA GLU A 398 -15.34 0.74 -18.48
C GLU A 398 -14.62 -0.58 -18.87
N ARG A 399 -13.72 -1.08 -18.03
CA ARG A 399 -13.14 -2.38 -18.35
C ARG A 399 -12.97 -3.30 -17.15
N GLN A 400 -13.93 -3.24 -16.24
CA GLN A 400 -13.96 -4.18 -15.12
C GLN A 400 -14.87 -5.34 -15.47
N CYS A 401 -14.40 -6.55 -15.17
CA CYS A 401 -15.22 -7.74 -15.34
C CYS A 401 -16.52 -7.57 -14.54
N VAL A 402 -17.64 -7.75 -15.23
CA VAL A 402 -18.98 -7.70 -14.64
C VAL A 402 -19.05 -8.55 -13.38
N LYS A 403 -18.43 -9.72 -13.44
CA LYS A 403 -18.48 -10.68 -12.35
C LYS A 403 -17.48 -10.37 -11.23
N CYS A 404 -16.19 -10.40 -11.55
CA CYS A 404 -15.16 -10.39 -10.53
C CYS A 404 -14.48 -9.03 -10.34
N LYS A 405 -14.86 -8.05 -11.17
CA LYS A 405 -14.42 -6.65 -11.09
C LYS A 405 -12.94 -6.39 -11.45
N THR A 406 -12.25 -7.42 -11.94
CA THR A 406 -10.84 -7.27 -12.30
C THR A 406 -10.73 -6.26 -13.45
N THR A 407 -9.64 -5.50 -13.46
CA THR A 407 -9.41 -4.58 -14.57
C THR A 407 -8.85 -5.39 -15.74
N CYS A 408 -9.62 -5.46 -16.83
CA CYS A 408 -9.18 -6.20 -18.01
C CYS A 408 -8.08 -5.46 -18.78
N PHE A 409 -7.20 -6.23 -19.41
CA PHE A 409 -6.18 -5.68 -20.28
C PHE A 409 -5.80 -6.67 -21.36
N MET A 410 -5.40 -7.89 -20.97
CA MET A 410 -4.98 -8.85 -21.96
C MET A 410 -6.16 -9.21 -22.85
N SER A 411 -7.32 -9.41 -22.25
CA SER A 411 -8.49 -9.80 -23.00
C SER A 411 -9.79 -9.77 -22.20
N ALA A 412 -10.89 -9.80 -22.93
CA ALA A 412 -12.22 -9.81 -22.32
C ALA A 412 -13.21 -10.37 -23.35
N ILE A 413 -14.40 -10.70 -22.88
CA ILE A 413 -15.47 -11.11 -23.77
C ILE A 413 -16.54 -10.03 -23.76
N SER A 414 -17.00 -9.63 -24.94
CA SER A 414 -18.15 -8.72 -25.04
C SER A 414 -19.27 -9.41 -25.81
N CYS A 415 -20.48 -8.91 -25.63
CA CYS A 415 -21.60 -9.29 -26.49
C CYS A 415 -22.35 -8.04 -26.90
N SER A 416 -22.68 -7.93 -28.20
CA SER A 416 -23.44 -6.79 -28.72
C SER A 416 -24.78 -6.60 -27.99
N CYS A 417 -25.34 -7.70 -27.50
CA CYS A 417 -26.43 -7.69 -26.53
C CYS A 417 -26.30 -6.71 -25.34
N LYS A 418 -25.08 -6.54 -24.82
CA LYS A 418 -24.90 -5.66 -23.67
C LYS A 418 -23.74 -4.70 -23.88
N PRO A 419 -23.99 -3.63 -24.64
CA PRO A 419 -22.93 -2.72 -25.08
C PRO A 419 -22.15 -2.17 -23.90
N GLY A 420 -20.82 -2.25 -23.97
CA GLY A 420 -20.01 -1.67 -22.94
C GLY A 420 -19.62 -2.65 -21.85
N LEU A 421 -20.39 -3.72 -21.68
CA LEU A 421 -20.11 -4.68 -20.62
C LEU A 421 -19.02 -5.66 -21.06
N LEU A 422 -18.20 -6.08 -20.11
CA LEU A 422 -17.12 -7.00 -20.36
C LEU A 422 -17.07 -7.99 -19.23
N VAL A 423 -16.64 -9.20 -19.55
CA VAL A 423 -16.21 -10.14 -18.54
C VAL A 423 -14.82 -10.58 -18.89
N CYS A 424 -14.05 -10.98 -17.89
CA CYS A 424 -12.71 -11.51 -18.14
C CYS A 424 -12.91 -12.95 -18.61
N LEU A 425 -11.84 -13.59 -19.01
CA LEU A 425 -11.98 -14.91 -19.64
C LEU A 425 -12.28 -15.98 -18.60
N HIS A 426 -12.23 -15.64 -17.32
CA HIS A 426 -12.67 -16.57 -16.28
C HIS A 426 -14.19 -16.59 -16.15
N HIS A 427 -14.86 -15.56 -16.64
CA HIS A 427 -16.30 -15.43 -16.42
C HIS A 427 -17.11 -15.24 -17.69
N VAL A 428 -16.67 -15.93 -18.75
CA VAL A 428 -17.37 -15.97 -20.00
C VAL A 428 -18.85 -16.32 -19.82
N LYS A 429 -19.16 -17.24 -18.91
CA LYS A 429 -20.55 -17.63 -18.62
C LYS A 429 -21.39 -16.54 -17.95
N GLU A 430 -20.79 -15.42 -17.57
CA GLU A 430 -21.50 -14.46 -16.71
C GLU A 430 -21.91 -13.16 -17.39
N LEU A 431 -21.75 -13.10 -18.71
CA LEU A 431 -22.01 -11.85 -19.42
C LEU A 431 -23.49 -11.68 -19.78
N CYS A 432 -24.07 -12.71 -20.39
CA CYS A 432 -25.48 -12.65 -20.79
C CYS A 432 -26.00 -14.04 -21.16
N SER A 433 -27.23 -14.11 -21.65
CA SER A 433 -27.83 -15.40 -21.96
C SER A 433 -27.63 -15.80 -23.42
N CYS A 434 -27.06 -14.92 -24.25
CA CYS A 434 -26.81 -15.24 -25.65
C CYS A 434 -25.86 -16.42 -25.78
N PRO A 435 -25.97 -17.21 -26.86
CA PRO A 435 -25.01 -18.28 -27.08
C PRO A 435 -23.64 -17.69 -27.37
N PRO A 436 -22.57 -18.36 -26.91
CA PRO A 436 -21.19 -17.88 -27.08
C PRO A 436 -20.82 -17.46 -28.51
N TYR A 437 -21.50 -17.96 -29.53
CA TYR A 437 -21.13 -17.56 -30.89
C TYR A 437 -21.50 -16.11 -31.18
N LYS A 438 -22.33 -15.52 -30.32
CA LYS A 438 -22.64 -14.10 -30.46
C LYS A 438 -21.54 -13.22 -29.83
N TYR A 439 -20.62 -13.83 -29.09
CA TYR A 439 -19.61 -13.10 -28.32
C TYR A 439 -18.41 -12.70 -29.17
N LYS A 440 -17.69 -11.68 -28.74
CA LYS A 440 -16.40 -11.38 -29.34
C LYS A 440 -15.33 -11.50 -28.28
N LEU A 441 -14.24 -12.17 -28.61
CA LEU A 441 -13.05 -12.05 -27.81
C LEU A 441 -12.33 -10.73 -28.14
N ARG A 442 -12.28 -9.82 -27.18
CA ARG A 442 -11.50 -8.59 -27.35
CA ARG A 442 -11.50 -8.58 -27.33
C ARG A 442 -10.12 -8.79 -26.75
N TYR A 443 -9.07 -8.53 -27.52
CA TYR A 443 -7.73 -8.82 -27.03
C TYR A 443 -6.79 -7.67 -27.30
N ARG A 444 -5.82 -7.49 -26.40
CA ARG A 444 -4.85 -6.43 -26.61
C ARG A 444 -3.77 -6.86 -27.60
N TYR A 445 -3.29 -8.10 -27.46
CA TYR A 445 -2.21 -8.61 -28.28
C TYR A 445 -2.54 -10.02 -28.74
N THR A 446 -2.09 -10.38 -29.95
CA THR A 446 -2.09 -11.78 -30.32
C THR A 446 -0.95 -12.43 -29.57
N LEU A 447 -1.00 -13.75 -29.39
CA LEU A 447 0.13 -14.47 -28.83
C LEU A 447 1.39 -14.18 -29.64
N ASP A 448 1.22 -14.05 -30.97
CA ASP A 448 2.35 -13.72 -31.85
C ASP A 448 2.94 -12.34 -31.60
N ASP A 449 2.15 -11.38 -31.15
CA ASP A 449 2.68 -10.07 -30.73
C ASP A 449 3.49 -10.21 -29.44
N LEU A 450 3.03 -11.09 -28.55
CA LEU A 450 3.58 -11.11 -27.21
C LEU A 450 4.98 -11.70 -27.12
N TYR A 451 5.24 -12.77 -27.86
CA TYR A 451 6.55 -13.43 -27.78
C TYR A 451 7.72 -12.50 -28.20
N PRO A 452 7.56 -11.63 -29.21
CA PRO A 452 8.65 -10.68 -29.47
C PRO A 452 8.86 -9.64 -28.37
N MET A 453 7.78 -9.25 -27.70
CA MET A 453 7.88 -8.33 -26.56
C MET A 453 8.70 -8.98 -25.46
N MET A 454 8.43 -10.26 -25.21
CA MET A 454 9.18 -10.96 -24.20
C MET A 454 10.65 -11.15 -24.61
N ASN A 455 10.88 -11.35 -25.91
N ASN A 455 10.88 -11.34 -25.90
CA ASN A 455 12.23 -11.50 -26.43
CA ASN A 455 12.23 -11.52 -26.40
C ASN A 455 13.08 -10.24 -26.27
C ASN A 455 13.08 -10.25 -26.29
N ALA A 456 12.43 -9.09 -26.42
CA ALA A 456 13.14 -7.82 -26.25
C ALA A 456 13.71 -7.74 -24.84
N LEU A 457 12.90 -8.17 -23.87
CA LEU A 457 13.30 -8.24 -22.47
C LEU A 457 14.46 -9.19 -22.27
N LYS A 458 14.40 -10.33 -22.96
CA LYS A 458 15.44 -11.33 -22.84
C LYS A 458 16.77 -10.78 -23.37
N LEU A 459 16.71 -10.10 -24.51
CA LEU A 459 17.90 -9.45 -25.08
C LEU A 459 18.48 -8.40 -24.13
N ARG A 460 17.62 -7.58 -23.55
CA ARG A 460 18.08 -6.55 -22.62
C ARG A 460 18.72 -7.18 -21.37
N ALA A 461 18.12 -8.27 -20.89
CA ALA A 461 18.64 -8.98 -19.73
C ALA A 461 19.90 -9.78 -20.09
N GLU A 462 20.00 -10.13 -21.37
CA GLU A 462 21.09 -10.95 -21.92
C GLU A 462 21.10 -12.35 -21.30
#